data_9UKY
#
_entry.id   9UKY
#
_cell.length_a   162.977
_cell.length_b   74.856
_cell.length_c   47.867
_cell.angle_alpha   90.00
_cell.angle_beta   99.16
_cell.angle_gamma   90.00
#
_symmetry.space_group_name_H-M   'C 1 2 1'
#
loop_
_entity.id
_entity.type
_entity.pdbx_description
1 polymer 'MIP18 family protein galla-2'
2 polymer 'Probable cytosolic iron-sulfur protein assembly protein Ciao1'
3 water water
#
loop_
_entity_poly.entity_id
_entity_poly.type
_entity_poly.pdbx_seq_one_letter_code
_entity_poly.pdbx_strand_id
1 'polypeptide(L)'
;SMPTDIEDINPNVYDRIKERVLTANEEDENVPDPFDKREIFDLIRNINDPEHPLTLEELHVVQEDLIRINDSQNSVHISF
TPTIPHCSMATLIGLSIRVKLLRSLPPRFKVTVEITPGTHASELAVNKQLADKERVAAALENNHLAEVINQCIAAKG
;
A
2 'polypeptide(L)'
;SMGRLILEHTLQGHKGRIWGVAWHPKGNVFASCGEDKAIRIWSLTGNTWSTKTILSDGHKRTIREIRWSPCGQYLASASF
DATTAIWSKSSGEFECNATLEGHENEVKSVSWSRSGGLLATCSRDKSVWIWEVAGDDEFECAAVLNPHTQDVKRVVWHPT
KDILASASYDNTIKMFAEEPIDNDWDCTATLTSHTSTVWGIDFDADGERLVSCSDDTTIKIWRAYHPGNTAGVATPDQQT
VWKCVCTVSGQHSRAIYDVSWCKLTGLIATACGDDGIRIFKESSDSKPDEPTFEQITAEEGAHDQDVNSVQWNPVVAGQL
ISCSDDGTIKIWKVTE
;
B
#
# COMPACT_ATOMS: atom_id res chain seq x y z
N PRO A 3 13.83 17.17 -4.95
CA PRO A 3 14.37 15.80 -4.88
C PRO A 3 13.73 14.88 -5.91
N THR A 4 14.53 13.93 -6.42
CA THR A 4 14.01 12.95 -7.35
C THR A 4 13.45 11.77 -6.57
N ASP A 5 12.90 10.78 -7.30
CA ASP A 5 12.32 9.61 -6.66
C ASP A 5 13.40 8.84 -5.90
N ILE A 6 13.11 8.54 -4.62
CA ILE A 6 14.01 7.76 -3.75
C ILE A 6 14.42 6.43 -4.41
N GLU A 7 13.57 5.89 -5.27
CA GLU A 7 13.83 4.57 -5.85
C GLU A 7 14.88 4.60 -6.96
N ASP A 8 15.37 5.76 -7.33
CA ASP A 8 16.20 5.91 -8.52
C ASP A 8 17.51 6.59 -8.15
N ILE A 9 18.60 6.16 -8.79
CA ILE A 9 19.93 6.70 -8.56
C ILE A 9 20.50 7.24 -9.85
N ASN A 10 21.17 8.35 -9.76
CA ASN A 10 21.84 8.91 -10.92
C ASN A 10 23.11 8.12 -11.19
N PRO A 11 23.32 7.64 -12.44
CA PRO A 11 24.51 6.83 -12.75
C PRO A 11 25.85 7.47 -12.39
N ASN A 12 25.90 8.80 -12.23
CA ASN A 12 27.16 9.47 -11.91
C ASN A 12 27.66 9.10 -10.52
N VAL A 13 26.77 9.13 -9.53
CA VAL A 13 27.13 8.74 -8.16
C VAL A 13 27.67 7.33 -8.15
N TYR A 14 26.97 6.46 -8.86
CA TYR A 14 27.35 5.06 -9.00
C TYR A 14 28.77 4.92 -9.51
N ASP A 15 29.10 5.61 -10.60
CA ASP A 15 30.45 5.54 -11.16
C ASP A 15 31.41 6.41 -10.35
N ASP A 36 21.09 2.93 23.62
CA ASP A 36 20.60 4.30 23.82
C ASP A 36 21.06 5.27 22.71
N LYS A 37 21.17 6.55 23.08
CA LYS A 37 21.47 7.61 22.12
C LYS A 37 22.91 7.52 21.59
N ARG A 38 23.85 7.10 22.42
CA ARG A 38 25.25 7.09 22.01
C ARG A 38 25.58 5.90 21.11
N GLU A 39 24.96 4.75 21.35
CA GLU A 39 25.20 3.60 20.47
C GLU A 39 24.58 3.82 19.09
N ILE A 40 23.45 4.53 19.03
CA ILE A 40 22.88 4.88 17.74
C ILE A 40 23.84 5.76 16.95
N PHE A 41 24.36 6.81 17.60
CA PHE A 41 25.37 7.66 16.96
C PHE A 41 26.58 6.85 16.49
N ASP A 42 27.00 5.86 17.28
CA ASP A 42 28.17 5.07 16.88
C ASP A 42 27.89 4.22 15.64
N LEU A 43 26.66 3.73 15.48
CA LEU A 43 26.30 3.02 14.27
C LEU A 43 26.18 3.92 13.04
N ILE A 44 25.96 5.24 13.21
CA ILE A 44 25.72 6.10 12.07
C ILE A 44 26.83 7.13 11.82
N ARG A 45 27.73 7.38 12.79
CA ARG A 45 28.62 8.54 12.66
C ARG A 45 29.68 8.35 11.58
N ASN A 46 30.02 7.11 11.23
CA ASN A 46 31.11 6.84 10.30
C ASN A 46 30.63 6.39 8.92
N ILE A 47 29.31 6.33 8.69
CA ILE A 47 28.80 6.22 7.33
C ILE A 47 29.49 7.26 6.46
N ASN A 48 30.06 6.81 5.33
CA ASN A 48 30.70 7.75 4.41
C ASN A 48 29.65 8.47 3.60
N ASP A 49 29.89 9.76 3.35
CA ASP A 49 29.07 10.50 2.43
C ASP A 49 29.19 9.86 1.05
N PRO A 50 28.13 9.92 0.23
CA PRO A 50 28.18 9.30 -1.11
C PRO A 50 28.86 10.13 -2.19
N GLU A 51 29.50 11.26 -1.85
CA GLU A 51 30.17 12.12 -2.84
C GLU A 51 31.54 12.53 -2.33
N HIS A 52 31.60 13.25 -1.20
CA HIS A 52 32.87 13.67 -0.62
C HIS A 52 33.54 12.49 0.10
N PRO A 53 34.87 12.59 0.37
CA PRO A 53 35.58 11.52 1.09
C PRO A 53 35.62 11.72 2.61
N LEU A 54 34.45 11.92 3.22
CA LEU A 54 34.36 12.17 4.66
C LEU A 54 33.18 11.40 5.25
N THR A 55 33.21 11.23 6.57
CA THR A 55 32.07 10.62 7.23
C THR A 55 30.98 11.66 7.44
N LEU A 56 29.77 11.17 7.66
CA LEU A 56 28.68 12.09 7.93
C LEU A 56 28.88 12.84 9.23
N GLU A 57 29.58 12.24 10.19
CA GLU A 57 29.96 13.02 11.36
C GLU A 57 30.89 14.15 10.97
N GLU A 58 31.91 13.83 10.16
CA GLU A 58 32.91 14.82 9.78
C GLU A 58 32.29 16.01 9.06
N LEU A 59 31.17 15.79 8.38
CA LEU A 59 30.45 16.86 7.69
C LEU A 59 29.30 17.40 8.52
N HIS A 60 29.25 17.08 9.82
CA HIS A 60 28.21 17.53 10.75
C HIS A 60 26.80 17.15 10.29
N VAL A 61 26.68 16.18 9.38
CA VAL A 61 25.37 15.78 8.89
C VAL A 61 24.62 14.94 9.93
N VAL A 62 25.33 14.08 10.64
CA VAL A 62 24.78 13.39 11.79
C VAL A 62 25.45 13.95 13.03
N GLN A 63 24.65 14.16 14.07
CA GLN A 63 25.15 14.62 15.36
C GLN A 63 24.45 13.82 16.43
N GLU A 64 25.19 13.46 17.49
CA GLU A 64 24.58 12.72 18.59
C GLU A 64 23.34 13.44 19.11
N ASP A 65 23.41 14.76 19.23
CA ASP A 65 22.31 15.52 19.80
C ASP A 65 21.09 15.61 18.89
N LEU A 66 21.16 15.11 17.66
CA LEU A 66 19.97 15.06 16.81
C LEU A 66 19.34 13.68 16.79
N ILE A 67 19.79 12.78 17.67
CA ILE A 67 19.17 11.47 17.85
C ILE A 67 18.24 11.52 19.06
N ARG A 68 17.02 11.04 18.88
CA ARG A 68 16.04 10.98 19.96
C ARG A 68 15.54 9.55 20.03
N ILE A 69 15.86 8.86 21.13
CA ILE A 69 15.64 7.42 21.25
C ILE A 69 14.70 7.19 22.42
N ASN A 70 13.58 6.49 22.16
CA ASN A 70 12.53 6.24 23.16
C ASN A 70 12.29 4.72 23.22
N ASP A 71 13.09 4.03 24.03
CA ASP A 71 12.88 2.59 24.24
C ASP A 71 11.50 2.33 24.83
N SER A 72 10.99 3.26 25.64
CA SER A 72 9.67 3.18 26.23
C SER A 72 8.57 3.04 25.18
N GLN A 73 8.93 3.21 23.91
CA GLN A 73 7.93 3.09 22.85
C GLN A 73 8.49 2.48 21.57
N ASN A 74 9.69 1.87 21.60
CA ASN A 74 10.31 1.23 20.44
C ASN A 74 10.45 2.21 19.27
N SER A 75 10.85 3.44 19.59
CA SER A 75 10.97 4.51 18.60
C SER A 75 12.40 5.04 18.59
N VAL A 76 12.92 5.26 17.38
CA VAL A 76 14.20 5.93 17.14
C VAL A 76 13.93 7.02 16.10
N HIS A 77 14.17 8.27 16.46
CA HIS A 77 14.04 9.37 15.51
C HIS A 77 15.41 10.03 15.32
N ILE A 78 15.85 10.08 14.06
CA ILE A 78 17.11 10.67 13.71
C ILE A 78 16.89 11.86 12.80
N SER A 79 17.51 12.98 13.16
CA SER A 79 17.55 14.19 12.35
C SER A 79 18.91 14.32 11.68
N PHE A 80 18.94 14.59 10.38
CA PHE A 80 20.20 14.76 9.67
C PHE A 80 20.18 16.06 8.86
N THR A 81 21.31 16.78 8.86
CA THR A 81 21.44 18.10 8.26
C THR A 81 22.25 18.03 6.97
N PRO A 82 21.65 18.20 5.78
CA PRO A 82 22.47 18.28 4.57
C PRO A 82 23.35 19.53 4.58
N THR A 83 24.56 19.38 4.01
CA THR A 83 25.56 20.45 4.06
C THR A 83 25.06 21.72 3.38
N ILE A 84 24.34 21.58 2.27
CA ILE A 84 23.73 22.71 1.58
C ILE A 84 22.21 22.49 1.52
N PRO A 85 21.41 23.55 1.55
CA PRO A 85 19.96 23.38 1.55
C PRO A 85 19.41 22.85 0.24
N HIS A 86 20.18 22.90 -0.84
CA HIS A 86 19.79 22.29 -2.10
C HIS A 86 20.51 20.97 -2.36
N CYS A 87 21.09 20.37 -1.34
CA CYS A 87 21.82 19.11 -1.50
C CYS A 87 21.00 18.09 -2.29
N SER A 88 21.52 17.68 -3.44
CA SER A 88 20.86 16.68 -4.26
C SER A 88 20.94 15.27 -3.67
N MET A 89 21.77 15.05 -2.65
CA MET A 89 22.02 13.72 -2.11
C MET A 89 21.20 13.41 -0.86
N ALA A 90 20.29 14.31 -0.46
CA ALA A 90 19.67 14.18 0.85
C ALA A 90 18.95 12.85 0.98
N THR A 91 18.12 12.50 -0.01
CA THR A 91 17.38 11.25 0.07
C THR A 91 18.31 10.05 0.23
N LEU A 92 19.42 10.04 -0.52
CA LEU A 92 20.39 8.94 -0.41
C LEU A 92 20.99 8.88 0.98
N ILE A 93 21.39 10.02 1.53
CA ILE A 93 21.99 10.03 2.86
C ILE A 93 21.01 9.47 3.89
N GLY A 94 19.73 9.87 3.79
CA GLY A 94 18.73 9.33 4.70
C GLY A 94 18.53 7.83 4.53
N LEU A 95 18.47 7.39 3.28
CA LEU A 95 18.34 5.95 3.02
C LEU A 95 19.47 5.18 3.67
N SER A 96 20.70 5.64 3.50
CA SER A 96 21.83 4.90 4.06
C SER A 96 21.77 4.87 5.58
N ILE A 97 21.27 5.94 6.20
CA ILE A 97 21.06 5.92 7.65
C ILE A 97 19.99 4.89 8.02
N ARG A 98 18.87 4.90 7.30
CA ARG A 98 17.82 3.90 7.48
C ARG A 98 18.39 2.49 7.45
N VAL A 99 19.06 2.16 6.34
CA VAL A 99 19.51 0.79 6.13
C VAL A 99 20.50 0.38 7.20
N LYS A 100 21.45 1.25 7.53
CA LYS A 100 22.38 0.88 8.58
C LYS A 100 21.63 0.47 9.83
N LEU A 101 20.58 1.23 10.18
CA LEU A 101 19.80 0.92 11.38
C LEU A 101 18.87 -0.27 11.16
N LEU A 102 18.26 -0.36 9.97
CA LEU A 102 17.50 -1.56 9.64
C LEU A 102 18.33 -2.84 9.85
N ARG A 103 19.63 -2.80 9.55
CA ARG A 103 20.47 -3.99 9.66
C ARG A 103 21.10 -4.17 11.03
N SER A 104 20.88 -3.26 11.98
CA SER A 104 21.51 -3.38 13.28
C SER A 104 20.55 -3.38 14.45
N LEU A 105 19.30 -2.96 14.24
CA LEU A 105 18.46 -2.95 15.43
C LEU A 105 17.48 -4.11 15.41
N PRO A 106 17.04 -4.59 16.58
CA PRO A 106 15.95 -5.58 16.63
C PRO A 106 14.76 -5.10 15.82
N PRO A 107 14.05 -6.01 15.14
CA PRO A 107 12.96 -5.59 14.26
C PRO A 107 11.78 -4.97 14.99
N ARG A 108 11.81 -4.90 16.31
CA ARG A 108 10.77 -4.26 17.10
C ARG A 108 10.85 -2.73 17.07
N PHE A 109 11.82 -2.16 16.36
CA PHE A 109 12.07 -0.72 16.43
C PHE A 109 11.56 -0.03 15.18
N LYS A 110 10.82 1.04 15.37
CA LYS A 110 10.34 1.87 14.29
C LYS A 110 11.30 3.06 14.17
N VAL A 111 12.01 3.13 13.05
CA VAL A 111 13.02 4.15 12.82
C VAL A 111 12.42 5.28 11.99
N THR A 112 12.70 6.52 12.39
CA THR A 112 12.26 7.68 11.61
C THR A 112 13.47 8.56 11.35
N VAL A 113 13.75 8.79 10.07
CA VAL A 113 14.87 9.61 9.66
C VAL A 113 14.31 10.83 8.95
N GLU A 114 14.65 12.01 9.45
CA GLU A 114 14.10 13.24 8.93
C GLU A 114 15.19 14.29 8.80
N ILE A 115 15.02 15.15 7.79
CA ILE A 115 15.89 16.30 7.64
C ILE A 115 15.70 17.25 8.81
N THR A 116 16.80 17.75 9.35
CA THR A 116 16.73 18.74 10.43
C THR A 116 15.87 19.93 10.01
N PRO A 117 14.90 20.34 10.81
CA PRO A 117 13.93 21.35 10.36
C PRO A 117 14.60 22.64 9.88
N GLY A 118 14.21 23.08 8.69
CA GLY A 118 14.74 24.31 8.11
C GLY A 118 16.07 24.18 7.40
N THR A 119 16.64 22.98 7.26
CA THR A 119 17.98 22.83 6.70
C THR A 119 17.99 22.29 5.28
N HIS A 120 16.84 22.26 4.61
CA HIS A 120 16.79 21.82 3.22
C HIS A 120 15.54 22.41 2.58
N ALA A 121 15.70 22.94 1.35
CA ALA A 121 14.60 23.59 0.66
C ALA A 121 13.38 22.68 0.53
N SER A 122 13.61 21.41 0.20
CA SER A 122 12.55 20.43 0.05
C SER A 122 12.54 19.45 1.22
N GLU A 123 12.62 19.95 2.45
CA GLU A 123 12.70 19.03 3.59
C GLU A 123 11.47 18.14 3.68
N LEU A 124 10.27 18.68 3.42
CA LEU A 124 9.05 17.87 3.62
C LEU A 124 8.98 16.75 2.59
N ALA A 125 9.35 17.02 1.34
CA ALA A 125 9.32 16.00 0.30
C ALA A 125 10.34 14.89 0.59
N VAL A 126 11.55 15.27 1.01
CA VAL A 126 12.55 14.27 1.35
C VAL A 126 12.10 13.48 2.57
N ASN A 127 11.52 14.17 3.56
CA ASN A 127 10.97 13.48 4.73
C ASN A 127 9.94 12.41 4.30
N LYS A 128 8.98 12.82 3.47
CA LYS A 128 7.87 11.94 3.10
C LYS A 128 8.37 10.65 2.42
N GLN A 129 9.36 10.76 1.53
CA GLN A 129 9.89 9.57 0.84
C GLN A 129 10.58 8.61 1.80
N LEU A 130 11.39 9.12 2.71
CA LEU A 130 12.10 8.25 3.64
C LEU A 130 11.15 7.51 4.55
N ALA A 131 9.98 8.09 4.83
CA ALA A 131 8.99 7.51 5.73
C ALA A 131 8.06 6.53 5.03
N ASP A 132 8.09 6.48 3.70
CA ASP A 132 7.24 5.59 2.93
C ASP A 132 7.96 4.25 2.85
N LYS A 133 7.47 3.25 3.61
CA LYS A 133 8.19 1.98 3.72
C LYS A 133 8.16 1.20 2.42
N GLU A 134 7.14 1.41 1.60
CA GLU A 134 7.09 0.76 0.30
C GLU A 134 8.16 1.31 -0.62
N ARG A 135 8.21 2.64 -0.74
CA ARG A 135 9.19 3.26 -1.62
C ARG A 135 10.61 2.93 -1.16
N VAL A 136 10.84 2.96 0.15
CA VAL A 136 12.15 2.57 0.64
C VAL A 136 12.46 1.13 0.26
N ALA A 137 11.46 0.25 0.35
CA ALA A 137 11.68 -1.15 -0.02
C ALA A 137 11.97 -1.29 -1.52
N ALA A 138 11.24 -0.58 -2.37
CA ALA A 138 11.52 -0.63 -3.80
C ALA A 138 12.92 -0.11 -4.09
N ALA A 139 13.32 0.97 -3.42
CA ALA A 139 14.65 1.52 -3.60
C ALA A 139 15.73 0.49 -3.33
N LEU A 140 15.57 -0.31 -2.28
CA LEU A 140 16.60 -1.29 -1.98
C LEU A 140 16.59 -2.49 -2.93
N GLU A 141 15.64 -2.58 -3.86
CA GLU A 141 15.69 -3.59 -4.92
C GLU A 141 16.18 -3.01 -6.23
N ASN A 142 16.65 -1.77 -6.19
CA ASN A 142 17.40 -1.16 -7.27
C ASN A 142 18.85 -1.57 -7.06
N ASN A 143 19.37 -2.43 -7.95
CA ASN A 143 20.68 -3.01 -7.71
C ASN A 143 21.73 -1.92 -7.57
N HIS A 144 21.72 -0.93 -8.47
CA HIS A 144 22.74 0.12 -8.41
C HIS A 144 22.62 0.93 -7.11
N LEU A 145 21.40 1.31 -6.73
CA LEU A 145 21.23 2.05 -5.49
C LEU A 145 21.73 1.27 -4.30
N ALA A 146 21.46 -0.04 -4.26
CA ALA A 146 21.77 -0.86 -3.09
C ALA A 146 23.27 -0.97 -2.84
N GLU A 147 24.09 -0.93 -3.89
CA GLU A 147 25.53 -1.06 -3.70
C GLU A 147 26.16 0.27 -3.30
N VAL A 148 25.67 1.36 -3.90
CA VAL A 148 26.03 2.68 -3.41
C VAL A 148 25.82 2.73 -1.90
N ILE A 149 24.65 2.25 -1.44
CA ILE A 149 24.36 2.28 -0.01
C ILE A 149 25.33 1.38 0.75
N ASN A 150 25.54 0.15 0.27
CA ASN A 150 26.40 -0.80 0.95
C ASN A 150 27.83 -0.27 1.07
N GLN A 151 28.33 0.34 -0.01
CA GLN A 151 29.66 0.93 0.05
C GLN A 151 29.72 2.03 1.10
N CYS A 152 28.63 2.80 1.25
CA CYS A 152 28.63 3.88 2.22
C CYS A 152 28.62 3.36 3.66
N ILE A 153 27.87 2.30 3.95
CA ILE A 153 27.69 1.88 5.34
C ILE A 153 28.59 0.72 5.75
N ALA A 154 29.77 0.60 5.14
CA ALA A 154 30.68 -0.50 5.49
C ALA A 154 31.97 -0.02 6.14
N GLY B 3 -17.23 -6.25 21.33
CA GLY B 3 -16.84 -6.89 20.08
C GLY B 3 -15.77 -7.99 20.18
N ARG B 4 -15.86 -8.95 19.24
CA ARG B 4 -15.02 -10.15 19.21
C ARG B 4 -14.11 -10.13 17.97
N LEU B 5 -12.80 -10.18 18.19
CA LEU B 5 -11.87 -10.40 17.08
C LEU B 5 -11.01 -11.56 17.50
N ILE B 6 -11.28 -12.75 16.96
CA ILE B 6 -10.71 -13.98 17.48
C ILE B 6 -9.81 -14.62 16.43
N LEU B 7 -8.56 -14.87 16.79
CA LEU B 7 -7.61 -15.50 15.87
C LEU B 7 -7.95 -16.98 15.68
N GLU B 8 -7.92 -17.45 14.44
CA GLU B 8 -8.13 -18.85 14.12
C GLU B 8 -6.89 -19.56 13.62
N HIS B 9 -6.02 -18.85 12.89
CA HIS B 9 -4.92 -19.49 12.20
C HIS B 9 -3.77 -18.51 12.05
N THR B 10 -2.57 -19.03 12.19
CA THR B 10 -1.35 -18.32 11.95
C THR B 10 -0.57 -19.10 10.95
N LEU B 11 -0.35 -18.55 9.78
CA LEU B 11 0.33 -19.23 8.74
C LEU B 11 1.53 -18.52 8.33
N GLN B 12 2.47 -19.21 7.73
CA GLN B 12 3.69 -18.58 7.27
C GLN B 12 4.40 -19.49 6.40
N GLY B 13 4.72 -19.08 5.20
CA GLY B 13 5.41 -19.95 4.30
C GLY B 13 6.40 -19.21 3.52
N HIS B 14 6.23 -17.92 3.43
CA HIS B 14 7.08 -17.07 2.69
C HIS B 14 8.22 -16.76 3.54
N LYS B 15 9.29 -16.29 2.96
CA LYS B 15 10.44 -15.87 3.70
C LYS B 15 10.42 -14.39 3.57
N GLY B 16 10.61 -13.71 4.67
CA GLY B 16 10.53 -12.26 4.64
C GLY B 16 9.09 -11.78 4.74
N ARG B 17 8.90 -10.53 4.37
CA ARG B 17 7.65 -9.87 4.61
C ARG B 17 6.60 -10.27 3.58
N ILE B 18 5.34 -10.22 4.00
CA ILE B 18 4.19 -10.62 3.20
C ILE B 18 3.38 -9.36 2.95
N TRP B 19 3.20 -9.02 1.68
CA TRP B 19 2.60 -7.75 1.30
C TRP B 19 1.10 -7.85 1.02
N GLY B 20 0.63 -8.98 0.52
CA GLY B 20 -0.75 -9.08 0.13
C GLY B 20 -1.35 -10.44 0.41
N VAL B 21 -2.66 -10.44 0.68
CA VAL B 21 -3.47 -11.65 0.76
C VAL B 21 -4.76 -11.37 0.00
N ALA B 22 -5.26 -12.38 -0.70
CA ALA B 22 -6.44 -12.19 -1.55
C ALA B 22 -7.29 -13.46 -1.61
N TRP B 23 -8.57 -13.33 -1.30
CA TRP B 23 -9.48 -14.47 -1.31
C TRP B 23 -9.89 -14.81 -2.73
N HIS B 24 -9.87 -16.10 -3.05
CA HIS B 24 -10.59 -16.60 -4.20
C HIS B 24 -12.08 -16.33 -4.04
N PRO B 25 -12.81 -16.03 -5.13
CA PRO B 25 -14.23 -15.65 -4.97
C PRO B 25 -15.09 -16.70 -4.29
N LYS B 26 -14.71 -17.98 -4.35
CA LYS B 26 -15.48 -19.03 -3.72
C LYS B 26 -15.24 -19.13 -2.22
N GLY B 27 -14.36 -18.30 -1.64
CA GLY B 27 -14.18 -18.22 -0.21
C GLY B 27 -13.34 -19.31 0.45
N ASN B 28 -12.97 -20.36 -0.28
CA ASN B 28 -12.29 -21.52 0.28
C ASN B 28 -10.79 -21.55 -0.03
N VAL B 29 -10.31 -20.65 -0.87
CA VAL B 29 -8.90 -20.58 -1.24
C VAL B 29 -8.49 -19.11 -1.19
N PHE B 30 -7.21 -18.88 -0.87
CA PHE B 30 -6.63 -17.54 -0.90
C PHE B 30 -5.18 -17.61 -1.36
N ALA B 31 -4.69 -16.46 -1.83
CA ALA B 31 -3.33 -16.31 -2.34
C ALA B 31 -2.60 -15.25 -1.53
N SER B 32 -1.30 -15.44 -1.40
CA SER B 32 -0.47 -14.50 -0.67
C SER B 32 0.80 -14.24 -1.48
N CYS B 33 1.32 -13.03 -1.37
CA CYS B 33 2.51 -12.65 -2.11
C CYS B 33 3.43 -11.80 -1.24
N GLY B 34 4.72 -11.84 -1.54
CA GLY B 34 5.57 -10.95 -0.80
C GLY B 34 6.96 -10.71 -1.33
N GLU B 35 7.85 -10.50 -0.37
CA GLU B 35 9.22 -10.13 -0.68
C GLU B 35 9.96 -11.23 -1.41
N ASP B 36 9.53 -12.49 -1.22
CA ASP B 36 10.29 -13.62 -1.74
C ASP B 36 9.93 -13.96 -3.19
N LYS B 37 9.16 -13.11 -3.87
CA LYS B 37 8.86 -13.22 -5.30
C LYS B 37 8.06 -14.47 -5.67
N ALA B 38 7.43 -15.13 -4.71
CA ALA B 38 6.52 -16.24 -5.00
C ALA B 38 5.09 -15.86 -4.64
N ILE B 39 4.16 -16.63 -5.19
CA ILE B 39 2.75 -16.52 -4.84
C ILE B 39 2.34 -17.88 -4.30
N ARG B 40 1.78 -17.91 -3.10
CA ARG B 40 1.31 -19.15 -2.50
C ARG B 40 -0.20 -19.19 -2.62
N ILE B 41 -0.72 -20.33 -3.09
CA ILE B 41 -2.15 -20.61 -3.13
C ILE B 41 -2.45 -21.58 -2.01
N TRP B 42 -3.37 -21.20 -1.12
CA TRP B 42 -3.68 -21.99 0.08
C TRP B 42 -5.09 -22.57 -0.01
N SER B 43 -5.18 -23.90 -0.10
CA SER B 43 -6.46 -24.58 -0.02
C SER B 43 -6.71 -25.02 1.42
N LEU B 44 -7.98 -25.11 1.77
CA LEU B 44 -8.41 -25.59 3.07
C LEU B 44 -8.92 -27.02 2.93
N THR B 45 -8.51 -27.90 3.85
CA THR B 45 -9.11 -29.23 3.92
C THR B 45 -9.23 -29.62 5.39
N GLY B 46 -10.47 -29.74 5.85
CA GLY B 46 -10.70 -29.97 7.26
C GLY B 46 -10.71 -28.66 7.98
N ASN B 47 -9.89 -28.55 9.01
CA ASN B 47 -9.65 -27.27 9.65
C ASN B 47 -8.17 -26.89 9.53
N THR B 48 -7.57 -27.18 8.38
CA THR B 48 -6.15 -26.95 8.17
C THR B 48 -5.91 -26.25 6.85
N TRP B 49 -5.41 -25.01 6.93
CA TRP B 49 -4.96 -24.28 5.75
C TRP B 49 -3.53 -24.70 5.43
N SER B 50 -3.28 -25.09 4.19
CA SER B 50 -1.91 -25.39 3.78
C SER B 50 -1.69 -24.91 2.36
N THR B 51 -0.43 -24.69 2.03
CA THR B 51 -0.04 -24.18 0.72
C THR B 51 -0.09 -25.32 -0.28
N LYS B 52 -0.98 -25.24 -1.27
CA LYS B 52 -1.13 -26.33 -2.22
C LYS B 52 -0.42 -26.05 -3.55
N THR B 53 -0.16 -24.79 -3.88
CA THR B 53 0.73 -24.51 -4.99
C THR B 53 1.54 -23.24 -4.70
N ILE B 54 2.75 -23.21 -5.23
CA ILE B 54 3.71 -22.11 -5.09
C ILE B 54 4.03 -21.61 -6.49
N LEU B 55 3.70 -20.36 -6.78
CA LEU B 55 3.99 -19.79 -8.09
C LEU B 55 5.28 -18.99 -7.98
N SER B 56 6.37 -19.63 -8.37
CA SER B 56 7.70 -19.02 -8.39
C SER B 56 8.04 -18.55 -9.79
N ASP B 57 9.06 -17.69 -9.86
CA ASP B 57 9.71 -17.32 -11.12
C ASP B 57 8.76 -16.59 -12.07
N GLY B 58 7.78 -15.88 -11.53
CA GLY B 58 6.89 -15.06 -12.33
C GLY B 58 7.29 -13.60 -12.29
N HIS B 59 8.05 -13.22 -11.27
CA HIS B 59 8.48 -11.84 -11.10
C HIS B 59 9.92 -11.83 -10.60
N LYS B 60 10.70 -10.86 -11.08
CA LYS B 60 12.09 -10.68 -10.70
C LYS B 60 12.29 -9.84 -9.43
N ARG B 61 11.22 -9.26 -8.88
CA ARG B 61 11.31 -8.42 -7.69
C ARG B 61 10.05 -8.67 -6.86
N THR B 62 10.03 -8.07 -5.66
CA THR B 62 8.89 -8.12 -4.74
C THR B 62 7.56 -8.15 -5.47
N ILE B 63 6.66 -9.03 -5.05
CA ILE B 63 5.31 -9.06 -5.56
C ILE B 63 4.44 -8.30 -4.57
N ARG B 64 3.80 -7.23 -5.03
CA ARG B 64 3.18 -6.27 -4.13
C ARG B 64 1.72 -6.58 -3.85
N GLU B 65 0.99 -7.09 -4.83
CA GLU B 65 -0.46 -7.24 -4.73
C GLU B 65 -0.89 -8.35 -5.70
N ILE B 66 -1.88 -9.16 -5.29
CA ILE B 66 -2.55 -10.10 -6.18
C ILE B 66 -4.05 -9.98 -6.00
N ARG B 67 -4.80 -10.18 -7.09
CA ARG B 67 -6.26 -10.23 -7.06
C ARG B 67 -6.73 -11.33 -8.01
N TRP B 68 -7.66 -12.18 -7.52
CA TRP B 68 -8.35 -13.13 -8.38
C TRP B 68 -9.37 -12.43 -9.25
N SER B 69 -9.53 -12.90 -10.48
CA SER B 69 -10.60 -12.39 -11.33
C SER B 69 -11.94 -12.89 -10.79
N PRO B 70 -13.04 -12.19 -11.09
CA PRO B 70 -14.32 -12.55 -10.46
C PRO B 70 -14.79 -13.96 -10.75
N CYS B 71 -14.35 -14.56 -11.85
CA CYS B 71 -14.68 -15.95 -12.19
C CYS B 71 -13.79 -16.97 -11.53
N GLY B 72 -12.73 -16.55 -10.84
CA GLY B 72 -11.87 -17.48 -10.13
C GLY B 72 -10.85 -18.19 -10.99
N GLN B 73 -10.85 -17.99 -12.30
CA GLN B 73 -9.93 -18.71 -13.17
C GLN B 73 -8.65 -17.93 -13.44
N TYR B 74 -8.59 -16.66 -13.08
CA TYR B 74 -7.42 -15.84 -13.33
C TYR B 74 -6.90 -15.27 -12.02
N LEU B 75 -5.58 -15.21 -11.89
CA LEU B 75 -4.93 -14.49 -10.80
C LEU B 75 -3.96 -13.50 -11.40
N ALA B 76 -4.11 -12.22 -11.07
CA ALA B 76 -3.17 -11.19 -11.49
C ALA B 76 -2.26 -10.83 -10.32
N SER B 77 -0.96 -10.71 -10.61
CA SER B 77 0.03 -10.28 -9.62
C SER B 77 0.77 -9.04 -10.10
N ALA B 78 0.91 -8.05 -9.21
CA ALA B 78 1.57 -6.79 -9.52
C ALA B 78 2.91 -6.75 -8.79
N SER B 79 3.95 -6.36 -9.49
CA SER B 79 5.30 -6.53 -8.98
C SER B 79 6.11 -5.25 -9.11
N PHE B 80 7.06 -5.08 -8.19
CA PHE B 80 8.05 -4.02 -8.31
C PHE B 80 8.89 -4.14 -9.58
N ASP B 81 8.81 -5.26 -10.32
CA ASP B 81 9.63 -5.41 -11.51
C ASP B 81 9.03 -4.72 -12.73
N ALA B 82 7.91 -4.02 -12.58
CA ALA B 82 7.22 -3.23 -13.61
C ALA B 82 6.36 -4.08 -14.53
N THR B 83 5.96 -5.27 -14.10
CA THR B 83 5.01 -6.08 -14.85
C THR B 83 3.85 -6.50 -13.98
N THR B 84 2.76 -6.87 -14.64
CA THR B 84 1.65 -7.59 -14.05
C THR B 84 1.56 -8.95 -14.74
N ALA B 85 1.65 -10.02 -13.96
CA ALA B 85 1.47 -11.36 -14.47
C ALA B 85 0.02 -11.80 -14.32
N ILE B 86 -0.50 -12.46 -15.36
CA ILE B 86 -1.82 -13.08 -15.32
C ILE B 86 -1.59 -14.58 -15.30
N TRP B 87 -2.06 -15.21 -14.24
CA TRP B 87 -1.88 -16.63 -14.00
C TRP B 87 -3.20 -17.32 -14.28
N SER B 88 -3.18 -18.31 -15.17
CA SER B 88 -4.39 -19.08 -15.47
C SER B 88 -4.03 -20.55 -15.56
N LYS B 89 -5.00 -21.41 -15.23
CA LYS B 89 -4.80 -22.87 -15.31
C LYS B 89 -5.15 -23.36 -16.72
N SER B 90 -4.27 -23.06 -17.66
CA SER B 90 -4.57 -23.32 -19.06
C SER B 90 -4.57 -24.82 -19.35
N SER B 91 -3.43 -25.48 -19.17
CA SER B 91 -3.34 -26.90 -19.52
C SER B 91 -4.28 -27.76 -18.66
N GLY B 92 -4.17 -27.70 -17.33
CA GLY B 92 -3.13 -26.99 -16.60
C GLY B 92 -3.17 -27.10 -15.12
N GLU B 93 -1.99 -26.93 -14.56
CA GLU B 93 -1.87 -26.28 -13.27
C GLU B 93 -1.63 -24.80 -13.55
N PHE B 94 -1.39 -24.01 -12.51
CA PHE B 94 -1.29 -22.56 -12.67
C PHE B 94 -0.01 -22.18 -13.41
N GLU B 95 -0.14 -21.50 -14.56
CA GLU B 95 1.02 -20.99 -15.29
C GLU B 95 0.80 -19.52 -15.59
N CYS B 96 1.88 -18.85 -15.96
CA CYS B 96 1.84 -17.44 -16.31
C CYS B 96 1.66 -17.33 -17.82
N ASN B 97 0.44 -17.03 -18.25
CA ASN B 97 0.06 -17.00 -19.65
C ASN B 97 0.13 -15.62 -20.30
N ALA B 98 0.12 -14.53 -19.52
CA ALA B 98 0.28 -13.21 -20.10
C ALA B 98 1.04 -12.32 -19.13
N THR B 99 1.76 -11.37 -19.68
CA THR B 99 2.37 -10.32 -18.88
C THR B 99 1.92 -9.00 -19.46
N LEU B 100 1.45 -8.10 -18.59
CA LEU B 100 1.13 -6.75 -19.00
C LEU B 100 2.27 -5.86 -18.56
N GLU B 101 3.03 -5.36 -19.52
CA GLU B 101 4.10 -4.39 -19.29
C GLU B 101 3.67 -3.04 -19.85
N GLY B 102 4.49 -2.03 -19.59
CA GLY B 102 4.15 -0.69 -20.03
C GLY B 102 4.47 0.35 -18.99
N HIS B 103 4.30 0.01 -17.71
CA HIS B 103 4.75 0.91 -16.67
C HIS B 103 6.26 1.02 -16.70
N GLU B 104 6.77 2.20 -16.39
CA GLU B 104 8.21 2.42 -16.27
C GLU B 104 8.75 1.97 -14.93
N ASN B 105 7.91 1.89 -13.91
CA ASN B 105 8.34 1.70 -12.54
C ASN B 105 7.58 0.54 -11.92
N GLU B 106 7.80 0.35 -10.62
CA GLU B 106 7.08 -0.66 -9.85
C GLU B 106 5.59 -0.57 -10.12
N VAL B 107 4.95 -1.73 -10.29
CA VAL B 107 3.50 -1.85 -10.31
C VAL B 107 3.05 -2.10 -8.88
N LYS B 108 2.12 -1.26 -8.38
CA LYS B 108 1.71 -1.33 -6.98
C LYS B 108 0.39 -2.04 -6.77
N SER B 109 -0.51 -2.07 -7.75
CA SER B 109 -1.86 -2.53 -7.50
C SER B 109 -2.50 -3.03 -8.78
N VAL B 110 -3.44 -3.97 -8.60
CA VAL B 110 -4.15 -4.56 -9.73
C VAL B 110 -5.56 -4.84 -9.25
N SER B 111 -6.53 -4.70 -10.15
CA SER B 111 -7.93 -4.86 -9.76
C SER B 111 -8.76 -5.22 -10.99
N TRP B 112 -9.78 -6.05 -10.79
CA TRP B 112 -10.67 -6.51 -11.86
C TRP B 112 -12.03 -5.83 -11.75
N SER B 113 -12.65 -5.57 -12.91
CA SER B 113 -14.03 -5.08 -12.94
C SER B 113 -15.01 -6.20 -12.57
N ARG B 114 -16.23 -5.80 -12.24
CA ARG B 114 -17.25 -6.76 -11.80
C ARG B 114 -17.43 -7.88 -12.80
N SER B 115 -17.49 -7.54 -14.10
CA SER B 115 -17.72 -8.55 -15.14
C SER B 115 -16.50 -9.42 -15.40
N GLY B 116 -15.31 -8.94 -15.06
CA GLY B 116 -14.07 -9.55 -15.50
C GLY B 116 -13.52 -9.01 -16.80
N GLY B 117 -14.24 -8.12 -17.48
CA GLY B 117 -13.81 -7.64 -18.79
C GLY B 117 -12.75 -6.57 -18.75
N LEU B 118 -12.50 -5.98 -17.59
CA LEU B 118 -11.56 -4.90 -17.45
C LEU B 118 -10.62 -5.20 -16.31
N LEU B 119 -9.36 -4.84 -16.50
CA LEU B 119 -8.36 -5.00 -15.47
C LEU B 119 -7.59 -3.68 -15.38
N ALA B 120 -7.34 -3.22 -14.16
CA ALA B 120 -6.64 -1.98 -13.95
C ALA B 120 -5.37 -2.23 -13.15
N THR B 121 -4.34 -1.46 -13.48
CA THR B 121 -3.10 -1.44 -12.74
C THR B 121 -2.71 0.02 -12.51
N CYS B 122 -1.90 0.25 -11.48
CA CYS B 122 -1.27 1.55 -11.28
C CYS B 122 0.16 1.35 -10.80
N SER B 123 0.94 2.42 -10.88
CA SER B 123 2.39 2.32 -10.79
C SER B 123 2.97 3.54 -10.08
N ARG B 124 4.22 3.38 -9.65
CA ARG B 124 5.00 4.50 -9.15
C ARG B 124 5.30 5.51 -10.25
N ASP B 125 5.00 5.20 -11.51
CA ASP B 125 5.19 6.15 -12.60
C ASP B 125 4.02 7.10 -12.72
N LYS B 126 3.24 7.24 -11.65
CA LYS B 126 2.14 8.18 -11.51
C LYS B 126 0.90 7.84 -12.35
N SER B 127 0.97 6.83 -13.23
CA SER B 127 -0.13 6.53 -14.15
C SER B 127 -1.00 5.38 -13.65
N VAL B 128 -2.16 5.24 -14.30
CA VAL B 128 -3.13 4.18 -14.09
C VAL B 128 -3.51 3.62 -15.44
N TRP B 129 -3.42 2.30 -15.59
CA TRP B 129 -3.69 1.64 -16.86
C TRP B 129 -4.96 0.81 -16.76
N ILE B 130 -5.69 0.72 -17.87
CA ILE B 130 -6.92 -0.06 -17.95
C ILE B 130 -6.83 -1.00 -19.14
N TRP B 131 -6.90 -2.29 -18.88
CA TRP B 131 -6.80 -3.28 -19.93
C TRP B 131 -8.17 -3.87 -20.19
N GLU B 132 -8.41 -4.21 -21.45
CA GLU B 132 -9.60 -4.92 -21.86
C GLU B 132 -9.24 -6.39 -22.04
N VAL B 133 -10.05 -7.26 -21.46
CA VAL B 133 -9.86 -8.71 -21.54
C VAL B 133 -10.75 -9.23 -22.65
N ALA B 134 -10.13 -9.76 -23.70
CA ALA B 134 -10.92 -10.39 -24.76
C ALA B 134 -10.03 -11.48 -25.36
N GLY B 135 -10.41 -12.72 -25.15
CA GLY B 135 -9.58 -13.86 -25.49
C GLY B 135 -9.22 -14.66 -24.25
N ASP B 136 -8.50 -15.75 -24.48
CA ASP B 136 -8.16 -16.65 -23.38
C ASP B 136 -7.03 -16.08 -22.53
N ASP B 137 -5.99 -15.51 -23.15
CA ASP B 137 -4.84 -15.01 -22.41
C ASP B 137 -4.26 -13.79 -23.12
N GLU B 138 -5.12 -12.94 -23.66
CA GLU B 138 -4.70 -11.80 -24.47
C GLU B 138 -5.40 -10.54 -23.98
N PHE B 139 -4.62 -9.50 -23.73
CA PHE B 139 -5.11 -8.26 -23.16
C PHE B 139 -4.62 -7.10 -24.02
N GLU B 140 -5.55 -6.24 -24.41
CA GLU B 140 -5.20 -5.00 -25.11
C GLU B 140 -5.45 -3.84 -24.17
N CYS B 141 -4.61 -2.82 -24.28
CA CYS B 141 -4.74 -1.65 -23.43
C CYS B 141 -5.88 -0.78 -23.93
N ALA B 142 -6.59 -0.14 -23.00
CA ALA B 142 -7.72 0.72 -23.33
C ALA B 142 -7.60 2.14 -22.82
N ALA B 143 -6.72 2.41 -21.85
CA ALA B 143 -6.53 3.76 -21.34
C ALA B 143 -5.22 3.81 -20.56
N VAL B 144 -4.53 4.94 -20.70
CA VAL B 144 -3.40 5.27 -19.86
C VAL B 144 -3.74 6.61 -19.25
N LEU B 145 -4.01 6.62 -17.94
CA LEU B 145 -4.56 7.77 -17.26
C LEU B 145 -3.49 8.43 -16.41
N ASN B 146 -3.23 9.72 -16.66
CA ASN B 146 -2.09 10.36 -16.00
C ASN B 146 -2.43 11.45 -14.99
N PRO B 147 -3.64 11.52 -14.43
CA PRO B 147 -3.99 12.72 -13.63
C PRO B 147 -3.28 12.77 -12.29
N HIS B 148 -2.72 11.67 -11.82
CA HIS B 148 -2.02 11.74 -10.54
C HIS B 148 -0.63 12.37 -10.71
N THR B 149 -0.18 13.05 -9.66
CA THR B 149 1.10 13.74 -9.68
C THR B 149 2.17 13.03 -8.86
N GLN B 150 1.87 11.88 -8.33
CA GLN B 150 2.83 11.08 -7.60
C GLN B 150 2.45 9.65 -7.67
N ASP B 151 3.27 8.83 -7.06
CA ASP B 151 3.15 7.40 -6.95
C ASP B 151 1.72 6.97 -6.61
N VAL B 152 1.11 6.16 -7.46
CA VAL B 152 -0.23 5.66 -7.22
C VAL B 152 -0.17 4.32 -6.54
N LYS B 153 -0.79 4.24 -5.40
CA LYS B 153 -0.77 3.09 -4.57
C LYS B 153 -1.75 2.00 -4.70
N ARG B 154 -2.92 2.30 -5.17
CA ARG B 154 -4.00 1.31 -5.15
C ARG B 154 -5.08 1.71 -6.13
N VAL B 155 -5.58 0.72 -6.86
CA VAL B 155 -6.77 0.84 -7.71
C VAL B 155 -7.78 -0.20 -7.26
N VAL B 156 -9.05 0.16 -7.28
CA VAL B 156 -10.11 -0.78 -6.99
C VAL B 156 -11.32 -0.40 -7.81
N TRP B 157 -12.09 -1.41 -8.24
CA TRP B 157 -13.27 -1.17 -9.06
C TRP B 157 -14.54 -1.11 -8.20
N HIS B 158 -15.49 -0.34 -8.68
CA HIS B 158 -16.83 -0.26 -8.14
C HIS B 158 -17.39 -1.66 -8.10
N PRO B 159 -18.20 -2.01 -7.08
CA PRO B 159 -18.69 -3.40 -7.01
C PRO B 159 -19.59 -3.77 -8.17
N THR B 160 -20.35 -2.81 -8.71
CA THR B 160 -21.40 -3.03 -9.69
C THR B 160 -21.02 -2.48 -11.06
N LYS B 161 -20.70 -1.19 -11.12
CA LYS B 161 -20.51 -0.46 -12.36
C LYS B 161 -19.05 -0.44 -12.76
N ASP B 162 -18.80 -0.04 -14.02
CA ASP B 162 -17.45 0.09 -14.54
C ASP B 162 -16.87 1.46 -14.18
N ILE B 163 -16.76 1.68 -12.88
CA ILE B 163 -16.15 2.86 -12.29
C ILE B 163 -14.93 2.39 -11.51
N LEU B 164 -13.81 3.10 -11.66
CA LEU B 164 -12.52 2.75 -11.07
C LEU B 164 -12.07 3.84 -10.12
N ALA B 165 -11.53 3.42 -8.97
CA ALA B 165 -10.99 4.32 -7.95
C ALA B 165 -9.50 4.07 -7.77
N SER B 166 -8.74 5.15 -7.62
CA SER B 166 -7.30 5.09 -7.40
C SER B 166 -6.92 5.97 -6.21
N ALA B 167 -5.90 5.52 -5.47
CA ALA B 167 -5.40 6.25 -4.31
C ALA B 167 -3.92 6.53 -4.51
N SER B 168 -3.49 7.73 -4.09
CA SER B 168 -2.17 8.21 -4.47
C SER B 168 -1.38 8.74 -3.29
N TYR B 169 -0.06 8.69 -3.48
CA TYR B 169 0.91 9.40 -2.65
C TYR B 169 0.76 10.90 -2.77
N ASP B 170 0.10 11.38 -3.81
CA ASP B 170 -0.19 12.80 -3.96
C ASP B 170 -1.39 13.25 -3.11
N ASN B 171 -1.86 12.37 -2.21
CA ASN B 171 -2.86 12.61 -1.16
C ASN B 171 -4.29 12.54 -1.67
N THR B 172 -4.53 12.38 -2.97
CA THR B 172 -5.88 12.40 -3.49
C THR B 172 -6.39 11.00 -3.78
N ILE B 173 -7.67 10.94 -4.14
CA ILE B 173 -8.32 9.76 -4.69
C ILE B 173 -9.06 10.21 -5.93
N LYS B 174 -8.96 9.44 -7.00
CA LYS B 174 -9.60 9.77 -8.26
C LYS B 174 -10.58 8.68 -8.68
N MET B 175 -11.52 9.07 -9.53
CA MET B 175 -12.62 8.22 -9.98
C MET B 175 -12.70 8.32 -11.49
N PHE B 176 -12.85 7.19 -12.17
CA PHE B 176 -12.82 7.15 -13.63
C PHE B 176 -14.04 6.41 -14.18
N ALA B 177 -14.51 6.86 -15.35
CA ALA B 177 -15.57 6.20 -16.10
C ALA B 177 -15.34 6.44 -17.60
N GLU B 178 -16.18 5.81 -18.44
CA GLU B 178 -16.13 6.05 -19.87
C GLU B 178 -17.07 7.18 -20.24
N GLU B 179 -16.67 7.97 -21.19
CA GLU B 179 -17.66 8.93 -21.61
C GLU B 179 -18.46 8.37 -22.79
N PRO B 180 -19.72 8.81 -22.96
CA PRO B 180 -20.60 8.12 -23.93
C PRO B 180 -20.19 8.24 -25.39
N ILE B 181 -19.93 9.44 -25.87
CA ILE B 181 -19.60 9.61 -27.26
C ILE B 181 -18.30 8.96 -27.66
N ASP B 182 -17.22 9.55 -27.21
CA ASP B 182 -15.95 9.00 -27.50
C ASP B 182 -15.78 8.20 -26.28
N ASN B 183 -15.78 6.90 -26.45
CA ASN B 183 -15.63 6.04 -25.35
C ASN B 183 -14.19 6.08 -25.02
N ASP B 184 -13.90 7.01 -24.14
CA ASP B 184 -12.60 7.26 -23.65
C ASP B 184 -12.84 7.20 -22.21
N TRP B 185 -11.80 6.91 -21.47
CA TRP B 185 -11.89 6.85 -20.05
C TRP B 185 -11.40 8.19 -19.61
N ASP B 186 -12.09 8.78 -18.70
CA ASP B 186 -11.72 10.08 -18.15
C ASP B 186 -12.01 10.13 -16.66
N CYS B 187 -11.22 10.93 -15.96
CA CYS B 187 -11.39 11.14 -14.54
C CYS B 187 -12.57 12.07 -14.28
N THR B 188 -13.49 11.63 -13.43
CA THR B 188 -14.73 12.36 -13.18
C THR B 188 -14.85 12.92 -11.77
N ALA B 189 -13.87 12.67 -10.89
CA ALA B 189 -13.89 13.22 -9.54
C ALA B 189 -12.49 13.17 -8.97
N THR B 190 -12.24 14.06 -7.99
CA THR B 190 -11.02 14.08 -7.20
C THR B 190 -11.43 14.32 -5.76
N LEU B 191 -11.05 13.41 -4.87
CA LEU B 191 -11.43 13.44 -3.46
C LEU B 191 -10.21 13.87 -2.66
N THR B 192 -10.31 14.98 -1.92
CA THR B 192 -9.12 15.72 -1.52
C THR B 192 -8.77 15.70 -0.03
N SER B 193 -9.75 15.67 0.88
CA SER B 193 -9.57 15.70 2.34
C SER B 193 -8.29 15.11 3.00
N HIS B 194 -7.62 14.12 2.41
CA HIS B 194 -6.50 13.52 3.13
C HIS B 194 -5.27 14.41 3.07
N THR B 195 -4.47 14.36 4.15
CA THR B 195 -3.32 15.25 4.27
C THR B 195 -2.02 14.55 3.96
N SER B 196 -2.08 13.27 3.59
CA SER B 196 -0.90 12.51 3.23
C SER B 196 -1.35 11.32 2.39
N THR B 197 -0.38 10.54 1.96
CA THR B 197 -0.54 9.32 1.18
C THR B 197 -1.81 8.56 1.49
N VAL B 198 -2.63 8.33 0.47
CA VAL B 198 -3.77 7.43 0.58
C VAL B 198 -3.26 6.04 0.19
N TRP B 199 -3.23 5.12 1.16
CA TRP B 199 -2.78 3.75 0.96
C TRP B 199 -3.91 2.81 0.53
N GLY B 200 -5.12 3.02 1.04
CA GLY B 200 -6.19 2.05 0.86
C GLY B 200 -7.50 2.75 0.55
N ILE B 201 -8.31 2.08 -0.28
CA ILE B 201 -9.67 2.46 -0.62
C ILE B 201 -10.48 1.20 -0.79
N ASP B 202 -11.78 1.28 -0.52
CA ASP B 202 -12.67 0.15 -0.75
C ASP B 202 -14.10 0.65 -0.73
N PHE B 203 -14.93 0.16 -1.63
CA PHE B 203 -16.33 0.57 -1.72
C PHE B 203 -17.20 -0.16 -0.70
N ASP B 204 -18.35 0.43 -0.36
CA ASP B 204 -19.31 -0.32 0.44
C ASP B 204 -20.11 -1.29 -0.45
N ALA B 205 -21.07 -2.01 0.14
CA ALA B 205 -21.71 -3.10 -0.60
C ALA B 205 -22.22 -2.64 -1.96
N ASP B 206 -22.87 -1.48 -2.02
CA ASP B 206 -23.55 -1.07 -3.24
C ASP B 206 -22.83 0.06 -3.98
N GLY B 207 -21.60 0.37 -3.60
CA GLY B 207 -20.81 1.34 -4.36
C GLY B 207 -21.20 2.78 -4.16
N GLU B 208 -22.12 3.06 -3.24
CA GLU B 208 -22.55 4.43 -2.95
C GLU B 208 -21.64 5.13 -1.94
N ARG B 209 -20.73 4.40 -1.31
CA ARG B 209 -19.81 4.98 -0.33
C ARG B 209 -18.44 4.34 -0.50
N LEU B 210 -17.43 5.09 -0.10
CA LEU B 210 -16.04 4.65 -0.22
C LEU B 210 -15.34 4.97 1.07
N VAL B 211 -14.49 4.05 1.54
CA VAL B 211 -13.68 4.28 2.73
C VAL B 211 -12.22 4.31 2.30
N SER B 212 -11.48 5.27 2.85
CA SER B 212 -10.08 5.44 2.55
C SER B 212 -9.27 5.41 3.85
N CYS B 213 -7.98 5.10 3.73
CA CYS B 213 -7.08 5.14 4.85
C CYS B 213 -5.78 5.74 4.38
N SER B 214 -4.99 6.26 5.32
CA SER B 214 -3.95 7.18 4.93
C SER B 214 -2.74 7.11 5.86
N ASP B 215 -1.60 7.50 5.30
CA ASP B 215 -0.45 7.85 6.09
C ASP B 215 -0.76 8.93 7.10
N ASP B 216 -1.79 9.76 6.87
CA ASP B 216 -2.11 10.82 7.81
C ASP B 216 -2.81 10.30 9.07
N THR B 217 -2.94 8.99 9.22
CA THR B 217 -3.49 8.22 10.38
C THR B 217 -5.01 8.25 10.49
N THR B 218 -5.72 8.79 9.51
CA THR B 218 -7.18 8.80 9.51
C THR B 218 -7.73 7.76 8.55
N ILE B 219 -8.97 7.38 8.79
CA ILE B 219 -9.77 6.81 7.73
C ILE B 219 -10.93 7.77 7.47
N LYS B 220 -11.45 7.74 6.24
CA LYS B 220 -12.45 8.69 5.81
C LYS B 220 -13.52 7.98 4.99
N ILE B 221 -14.77 8.36 5.24
CA ILE B 221 -15.93 7.83 4.54
C ILE B 221 -16.37 8.87 3.52
N TRP B 222 -16.39 8.49 2.25
CA TRP B 222 -16.85 9.37 1.19
C TRP B 222 -18.22 8.91 0.70
N ARG B 223 -19.09 9.87 0.40
CA ARG B 223 -20.44 9.60 -0.08
C ARG B 223 -20.62 10.17 -1.47
N ALA B 224 -21.25 9.38 -2.33
CA ALA B 224 -21.59 9.82 -3.67
C ALA B 224 -22.91 10.57 -3.63
N TYR B 225 -22.92 11.81 -4.12
CA TYR B 225 -24.15 12.57 -4.24
C TYR B 225 -24.45 12.71 -5.73
N HIS B 226 -25.70 12.40 -6.09
CA HIS B 226 -26.24 12.35 -7.44
C HIS B 226 -27.14 13.54 -7.74
N PRO B 227 -27.26 13.92 -9.03
CA PRO B 227 -28.06 15.09 -9.43
C PRO B 227 -29.34 15.39 -8.68
N GLY B 228 -30.26 14.43 -8.60
CA GLY B 228 -31.54 14.74 -7.97
C GLY B 228 -31.46 14.80 -6.46
N ASN B 229 -30.50 15.57 -5.97
CA ASN B 229 -30.01 15.38 -4.61
C ASN B 229 -30.97 15.96 -3.59
N THR B 230 -31.36 15.12 -2.61
CA THR B 230 -32.27 15.51 -1.53
C THR B 230 -31.53 16.23 -0.40
N ALA B 231 -30.26 15.89 -0.17
CA ALA B 231 -29.45 16.45 0.90
C ALA B 231 -28.85 17.81 0.59
N GLY B 232 -29.32 18.49 -0.46
CA GLY B 232 -28.84 19.83 -0.79
C GLY B 232 -27.39 19.93 -1.23
N VAL B 233 -26.87 18.93 -1.93
CA VAL B 233 -25.47 18.90 -2.37
C VAL B 233 -25.40 19.33 -3.83
N ALA B 234 -24.64 20.38 -4.10
CA ALA B 234 -24.50 20.85 -5.47
C ALA B 234 -23.95 19.72 -6.34
N THR B 235 -24.45 19.63 -7.55
CA THR B 235 -24.21 18.46 -8.41
C THR B 235 -23.72 18.88 -9.80
N PRO B 236 -22.67 19.73 -9.86
CA PRO B 236 -22.28 20.36 -11.14
C PRO B 236 -22.09 19.36 -12.28
N ASP B 237 -22.55 19.75 -13.47
CA ASP B 237 -22.42 18.94 -14.69
C ASP B 237 -23.00 17.53 -14.51
N GLN B 238 -23.98 17.40 -13.61
CA GLN B 238 -24.65 16.16 -13.18
C GLN B 238 -23.71 14.99 -12.93
N GLN B 239 -22.42 15.27 -12.80
CA GLN B 239 -21.51 14.26 -12.31
C GLN B 239 -21.80 14.03 -10.84
N THR B 240 -21.96 12.76 -10.48
CA THR B 240 -21.79 12.37 -9.10
C THR B 240 -20.59 13.11 -8.54
N VAL B 241 -20.76 13.69 -7.36
CA VAL B 241 -19.65 14.28 -6.66
C VAL B 241 -19.50 13.52 -5.36
N TRP B 242 -18.26 13.34 -4.93
CA TRP B 242 -17.94 12.60 -3.73
C TRP B 242 -17.50 13.60 -2.67
N LYS B 243 -18.18 13.59 -1.53
CA LYS B 243 -17.82 14.45 -0.42
C LYS B 243 -17.41 13.59 0.76
N CYS B 244 -16.46 14.09 1.55
CA CYS B 244 -16.02 13.37 2.74
C CYS B 244 -16.99 13.67 3.88
N VAL B 245 -17.76 12.66 4.28
CA VAL B 245 -18.82 12.84 5.27
C VAL B 245 -18.41 12.36 6.65
N CYS B 246 -17.18 11.86 6.81
CA CYS B 246 -16.74 11.34 8.09
C CYS B 246 -15.23 11.24 8.07
N THR B 247 -14.60 11.61 9.18
CA THR B 247 -13.15 11.48 9.32
C THR B 247 -12.88 10.91 10.70
N VAL B 248 -12.60 9.60 10.75
CA VAL B 248 -12.29 8.91 12.00
C VAL B 248 -10.83 9.20 12.35
N SER B 249 -10.64 10.09 13.31
CA SER B 249 -9.34 10.60 13.73
C SER B 249 -8.90 9.92 15.03
N GLY B 250 -7.60 9.98 15.27
CA GLY B 250 -7.06 9.58 16.56
C GLY B 250 -7.22 8.13 16.95
N GLN B 251 -7.60 7.26 16.02
CA GLN B 251 -7.70 5.84 16.31
C GLN B 251 -6.52 5.05 15.78
N HIS B 252 -5.48 5.73 15.33
CA HIS B 252 -4.39 5.08 14.61
C HIS B 252 -3.15 5.90 14.86
N SER B 253 -2.11 5.26 15.39
CA SER B 253 -0.90 5.98 15.80
C SER B 253 0.14 6.06 14.70
N ARG B 254 0.03 5.24 13.66
CA ARG B 254 0.96 5.27 12.55
C ARG B 254 0.15 5.12 11.27
N ALA B 255 0.85 5.18 10.13
CA ALA B 255 0.20 5.05 8.83
C ALA B 255 -0.73 3.86 8.80
N ILE B 256 -1.89 4.02 8.15
CA ILE B 256 -2.82 2.92 7.93
C ILE B 256 -2.63 2.44 6.50
N TYR B 257 -2.20 1.18 6.35
CA TYR B 257 -1.73 0.69 5.06
C TYR B 257 -2.81 0.02 4.22
N ASP B 258 -3.92 -0.40 4.82
CA ASP B 258 -5.00 -1.02 4.05
C ASP B 258 -6.31 -0.94 4.80
N VAL B 259 -7.40 -0.93 4.03
CA VAL B 259 -8.75 -0.93 4.60
C VAL B 259 -9.62 -1.83 3.73
N SER B 260 -10.51 -2.59 4.35
CA SER B 260 -11.41 -3.47 3.63
C SER B 260 -12.82 -3.30 4.18
N TRP B 261 -13.81 -3.16 3.30
CA TRP B 261 -15.20 -2.89 3.68
C TRP B 261 -16.04 -4.12 3.35
N CYS B 262 -16.46 -4.86 4.37
CA CYS B 262 -17.10 -6.15 4.15
C CYS B 262 -18.42 -5.96 3.44
N LYS B 263 -18.58 -6.61 2.28
CA LYS B 263 -19.79 -6.41 1.49
C LYS B 263 -20.94 -7.30 1.94
N LEU B 264 -20.69 -8.18 2.91
CA LEU B 264 -21.74 -9.01 3.49
C LEU B 264 -22.29 -8.43 4.78
N THR B 265 -21.45 -7.77 5.56
CA THR B 265 -21.83 -7.28 6.88
C THR B 265 -21.61 -5.79 7.05
N GLY B 266 -21.04 -5.09 6.05
CA GLY B 266 -20.75 -3.69 6.20
C GLY B 266 -19.67 -3.35 7.19
N LEU B 267 -19.07 -4.34 7.85
CA LEU B 267 -17.96 -4.08 8.75
C LEU B 267 -16.74 -3.59 7.98
N ILE B 268 -15.96 -2.72 8.62
CA ILE B 268 -14.77 -2.11 8.03
C ILE B 268 -13.56 -2.57 8.83
N ALA B 269 -12.49 -2.95 8.13
CA ALA B 269 -11.27 -3.42 8.77
C ALA B 269 -10.08 -2.60 8.29
N THR B 270 -9.19 -2.27 9.21
CA THR B 270 -8.00 -1.50 8.90
C THR B 270 -6.76 -2.25 9.36
N ALA B 271 -5.64 -1.96 8.67
CA ALA B 271 -4.34 -2.51 8.97
C ALA B 271 -3.36 -1.37 9.12
N CYS B 272 -2.58 -1.38 10.20
CA CYS B 272 -1.86 -0.20 10.63
C CYS B 272 -0.39 -0.50 10.87
N GLY B 273 0.45 0.50 10.55
CA GLY B 273 1.86 0.46 10.87
C GLY B 273 2.17 0.30 12.34
N ASP B 274 1.20 0.44 13.23
CA ASP B 274 1.41 0.18 14.64
C ASP B 274 1.08 -1.25 15.05
N ASP B 275 0.92 -2.15 14.06
CA ASP B 275 0.83 -3.60 14.22
C ASP B 275 -0.56 -4.03 14.66
N GLY B 276 -1.56 -3.15 14.59
CA GLY B 276 -2.90 -3.45 15.06
C GLY B 276 -3.90 -3.60 13.94
N ILE B 277 -4.94 -4.39 14.21
CA ILE B 277 -6.09 -4.59 13.33
C ILE B 277 -7.33 -4.08 14.06
N ARG B 278 -8.02 -3.11 13.47
CA ARG B 278 -9.20 -2.50 14.07
C ARG B 278 -10.45 -2.75 13.23
N ILE B 279 -11.58 -2.93 13.91
CA ILE B 279 -12.87 -3.23 13.27
C ILE B 279 -13.86 -2.13 13.65
N PHE B 280 -14.49 -1.53 12.63
CA PHE B 280 -15.42 -0.43 12.82
C PHE B 280 -16.79 -0.78 12.25
N LYS B 281 -17.83 -0.20 12.84
CA LYS B 281 -19.20 -0.35 12.35
C LYS B 281 -19.95 0.97 12.46
N GLU B 282 -20.82 1.21 11.50
CA GLU B 282 -21.71 2.36 11.56
C GLU B 282 -22.75 2.14 12.66
N SER B 283 -22.89 3.12 13.55
CA SER B 283 -23.84 2.99 14.66
C SER B 283 -25.27 2.89 14.12
N SER B 284 -26.18 2.44 15.00
CA SER B 284 -27.56 2.25 14.57
C SER B 284 -28.28 3.57 14.31
N ASP B 285 -27.88 4.64 15.00
CA ASP B 285 -28.49 5.96 14.78
C ASP B 285 -27.57 6.88 13.99
N SER B 286 -27.12 6.44 12.81
CA SER B 286 -26.14 7.18 12.05
C SER B 286 -26.80 8.17 11.10
N LYS B 287 -26.40 9.43 11.20
CA LYS B 287 -26.82 10.41 10.20
C LYS B 287 -26.20 10.03 8.85
N PRO B 288 -27.01 9.89 7.79
CA PRO B 288 -26.43 9.57 6.47
C PRO B 288 -25.43 10.58 5.92
N ASP B 289 -25.59 11.89 6.19
CA ASP B 289 -24.66 12.89 5.68
C ASP B 289 -23.57 13.29 6.67
N GLU B 290 -23.63 12.78 7.89
CA GLU B 290 -22.50 12.83 8.83
C GLU B 290 -22.55 11.54 9.64
N PRO B 291 -22.09 10.43 9.07
CA PRO B 291 -22.22 9.15 9.76
C PRO B 291 -21.23 9.04 10.90
N THR B 292 -21.62 8.26 11.89
CA THR B 292 -20.73 7.92 12.99
C THR B 292 -20.30 6.47 12.81
N PHE B 293 -19.01 6.26 12.69
CA PHE B 293 -18.44 4.93 12.66
C PHE B 293 -17.65 4.78 13.94
N GLU B 294 -17.92 3.72 14.70
CA GLU B 294 -17.19 3.53 15.93
C GLU B 294 -16.53 2.17 15.96
N GLN B 295 -15.48 2.09 16.76
CA GLN B 295 -14.64 0.91 16.88
C GLN B 295 -15.32 -0.09 17.78
N ILE B 296 -15.75 -1.22 17.21
CA ILE B 296 -16.48 -2.22 17.97
C ILE B 296 -15.59 -3.35 18.48
N THR B 297 -14.39 -3.54 17.92
CA THR B 297 -13.37 -4.39 18.52
C THR B 297 -12.03 -4.08 17.85
N ALA B 298 -10.96 -4.29 18.60
CA ALA B 298 -9.61 -4.05 18.09
C ALA B 298 -8.69 -5.18 18.50
N GLU B 299 -7.53 -5.22 17.85
CA GLU B 299 -6.46 -6.13 18.25
C GLU B 299 -5.15 -5.37 18.02
N GLU B 300 -4.68 -4.70 19.07
CA GLU B 300 -3.50 -3.86 18.93
C GLU B 300 -2.23 -4.69 18.86
N GLY B 301 -2.28 -5.98 19.19
CA GLY B 301 -1.13 -6.86 19.01
C GLY B 301 -1.37 -7.94 17.97
N ALA B 302 -2.11 -7.58 16.91
CA ALA B 302 -2.48 -8.55 15.89
C ALA B 302 -1.25 -9.23 15.31
N HIS B 303 -0.26 -8.43 14.94
CA HIS B 303 1.00 -8.89 14.41
C HIS B 303 2.12 -8.24 15.21
N ASP B 304 3.30 -8.84 15.12
CA ASP B 304 4.48 -8.30 15.79
C ASP B 304 5.15 -7.20 14.97
N GLN B 305 4.58 -6.85 13.82
CA GLN B 305 5.13 -5.84 12.93
C GLN B 305 3.99 -5.27 12.09
N ASP B 306 4.29 -4.21 11.33
CA ASP B 306 3.31 -3.57 10.46
C ASP B 306 2.31 -4.54 9.84
N VAL B 307 1.03 -4.25 9.94
CA VAL B 307 0.03 -5.01 9.19
C VAL B 307 -0.13 -4.35 7.84
N ASN B 308 0.09 -5.12 6.78
CA ASN B 308 0.13 -4.57 5.43
C ASN B 308 -1.18 -4.69 4.68
N SER B 309 -1.98 -5.72 4.97
CA SER B 309 -3.22 -5.96 4.23
C SER B 309 -4.23 -6.61 5.15
N VAL B 310 -5.50 -6.29 4.90
CA VAL B 310 -6.66 -6.99 5.43
C VAL B 310 -7.64 -7.20 4.28
N GLN B 311 -8.44 -8.27 4.38
CA GLN B 311 -9.49 -8.51 3.40
C GLN B 311 -10.55 -9.42 4.01
N TRP B 312 -11.81 -8.98 3.93
CA TRP B 312 -12.94 -9.80 4.38
C TRP B 312 -13.21 -10.91 3.39
N ASN B 313 -13.54 -12.10 3.91
CA ASN B 313 -13.92 -13.21 3.06
C ASN B 313 -15.17 -12.82 2.30
N PRO B 314 -15.19 -13.01 0.97
CA PRO B 314 -16.38 -12.62 0.19
C PRO B 314 -17.57 -13.56 0.37
N VAL B 315 -17.40 -14.68 1.08
CA VAL B 315 -18.46 -15.65 1.29
C VAL B 315 -18.71 -15.91 2.77
N VAL B 316 -17.65 -16.10 3.54
CA VAL B 316 -17.75 -16.42 4.96
C VAL B 316 -17.78 -15.08 5.69
N ALA B 317 -18.99 -14.60 5.99
CA ALA B 317 -19.16 -13.31 6.67
C ALA B 317 -18.46 -13.33 8.02
N GLY B 318 -17.66 -12.31 8.28
CA GLY B 318 -16.95 -12.19 9.53
C GLY B 318 -15.56 -12.79 9.52
N GLN B 319 -15.22 -13.63 8.53
CA GLN B 319 -13.86 -14.16 8.41
C GLN B 319 -12.96 -13.09 7.78
N LEU B 320 -11.87 -12.78 8.46
CA LEU B 320 -10.93 -11.75 8.02
C LEU B 320 -9.54 -12.36 7.88
N ILE B 321 -8.81 -11.95 6.85
CA ILE B 321 -7.44 -12.38 6.65
C ILE B 321 -6.55 -11.17 6.70
N SER B 322 -5.36 -11.33 7.28
CA SER B 322 -4.37 -10.26 7.33
C SER B 322 -3.00 -10.84 7.09
N CYS B 323 -2.06 -9.95 6.79
CA CYS B 323 -0.67 -10.36 6.64
C CYS B 323 0.20 -9.20 7.06
N SER B 324 1.46 -9.50 7.36
CA SER B 324 2.29 -8.57 8.10
C SER B 324 3.73 -8.64 7.62
N ASP B 325 4.44 -7.52 7.81
CA ASP B 325 5.90 -7.52 7.73
C ASP B 325 6.53 -8.63 8.58
N ASP B 326 5.82 -9.14 9.60
CA ASP B 326 6.40 -10.12 10.50
C ASP B 326 6.44 -11.53 9.93
N GLY B 327 6.10 -11.71 8.64
CA GLY B 327 6.19 -13.00 8.00
C GLY B 327 5.01 -13.93 8.20
N THR B 328 3.93 -13.48 8.84
CA THR B 328 2.77 -14.34 9.06
C THR B 328 1.56 -13.83 8.29
N ILE B 329 0.64 -14.77 8.08
CA ILE B 329 -0.72 -14.52 7.62
C ILE B 329 -1.63 -14.99 8.75
N LYS B 330 -2.64 -14.20 9.11
CA LYS B 330 -3.54 -14.58 10.19
C LYS B 330 -4.98 -14.56 9.68
N ILE B 331 -5.73 -15.61 9.98
CA ILE B 331 -7.14 -15.70 9.62
C ILE B 331 -7.96 -15.53 10.89
N TRP B 332 -8.75 -14.47 10.94
CA TRP B 332 -9.56 -14.17 12.10
C TRP B 332 -11.03 -14.41 11.80
N LYS B 333 -11.80 -14.52 12.87
CA LYS B 333 -13.25 -14.47 12.80
C LYS B 333 -13.73 -13.35 13.72
N VAL B 334 -14.61 -12.50 13.19
CA VAL B 334 -15.19 -11.38 13.91
C VAL B 334 -16.64 -11.73 14.23
N THR B 335 -17.04 -11.53 15.48
CA THR B 335 -18.43 -11.61 15.88
C THR B 335 -18.76 -10.38 16.71
N GLU B 336 -19.87 -9.72 16.39
CA GLU B 336 -20.26 -8.53 17.13
C GLU B 336 -20.88 -8.95 18.46
#